data_5EWC
#
_entry.id   5EWC
#
_cell.length_a   60.930
_cell.length_b   60.930
_cell.length_c   63.050
_cell.angle_alpha   90.00
_cell.angle_beta   90.00
_cell.angle_gamma   120.00
#
_symmetry.space_group_name_H-M   'P 32 2 1'
#
loop_
_entity.id
_entity.type
_entity.pdbx_description
1 polymer Peregrin
2 non-polymer 'ethyl (2~{R})-2-methyl-3-oxidanylidene-2,4-dihydro-1~{H}-quinoxaline-6-carboxylate'
3 non-polymer 'NITRATE ION'
4 water water
#
_entity_poly.entity_id   1
_entity_poly.type   'polypeptide(L)'
_entity_poly.pdbx_seq_one_letter_code
;SMEMQLTPFLILLRKTLEQLQEKDTGNIFSEPVPLSEVPDYLDHIKKPMDFFTMKQNLEAYRYLNFDDFEEDFNLIVSNC
LKYNAKDTIFYRAAVRLREQGGAVLRQARRQAEKMG
;
_entity_poly.pdbx_strand_id   A
#
loop_
_chem_comp.id
_chem_comp.type
_chem_comp.name
_chem_comp.formula
5SJ non-polymer 'ethyl (2~{R})-2-methyl-3-oxidanylidene-2,4-dihydro-1~{H}-quinoxaline-6-carboxylate' 'C12 H14 N2 O3'
NO3 non-polymer 'NITRATE ION' 'N O3 -1'
#
# COMPACT_ATOMS: atom_id res chain seq x y z
N MET A 4 -24.17 4.44 2.00
CA MET A 4 -22.78 4.18 2.39
C MET A 4 -22.51 4.64 3.83
N GLN A 5 -22.38 3.66 4.73
CA GLN A 5 -22.12 3.87 6.14
C GLN A 5 -20.64 3.73 6.42
N LEU A 6 -20.15 4.53 7.38
CA LEU A 6 -18.71 4.60 7.61
C LEU A 6 -18.16 3.31 8.21
N THR A 7 -18.84 2.75 9.20
CA THR A 7 -18.29 1.59 9.89
C THR A 7 -18.08 0.39 8.96
N PRO A 8 -19.06 -0.04 8.15
CA PRO A 8 -18.78 -1.18 7.25
C PRO A 8 -17.67 -0.90 6.25
N PHE A 9 -17.58 0.35 5.79
CA PHE A 9 -16.55 0.71 4.84
C PHE A 9 -15.16 0.57 5.44
N LEU A 10 -14.99 1.02 6.68
CA LEU A 10 -13.68 0.89 7.31
C LEU A 10 -13.37 -0.56 7.62
N ILE A 11 -14.39 -1.34 7.96
CA ILE A 11 -14.20 -2.79 8.11
C ILE A 11 -13.65 -3.38 6.84
N LEU A 12 -14.20 -2.98 5.69
CA LEU A 12 -13.73 -3.48 4.40
C LEU A 12 -12.32 -3.00 4.11
N LEU A 13 -12.01 -1.72 4.38
CA LEU A 13 -10.64 -1.29 4.14
C LEU A 13 -9.66 -2.02 5.06
N ARG A 14 -10.08 -2.34 6.29
CA ARG A 14 -9.19 -3.07 7.19
C ARG A 14 -8.90 -4.46 6.65
N LYS A 15 -9.95 -5.13 6.16
CA LYS A 15 -9.78 -6.46 5.57
C LYS A 15 -8.91 -6.40 4.32
N THR A 16 -9.13 -5.38 3.48
CA THR A 16 -8.34 -5.24 2.27
C THR A 16 -6.88 -4.99 2.58
N LEU A 17 -6.61 -4.10 3.55
CA LEU A 17 -5.23 -3.84 3.95
C LEU A 17 -4.55 -5.12 4.41
N GLU A 18 -5.27 -5.95 5.17
CA GLU A 18 -4.69 -7.20 5.62
C GLU A 18 -4.39 -8.12 4.44
N GLN A 19 -5.28 -8.13 3.44
CA GLN A 19 -5.05 -8.98 2.27
C GLN A 19 -3.86 -8.49 1.47
N LEU A 20 -3.65 -7.18 1.42
CA LEU A 20 -2.50 -6.65 0.72
C LEU A 20 -1.20 -6.98 1.46
N GLN A 21 -1.18 -6.80 2.77
CA GLN A 21 0.01 -7.15 3.54
C GLN A 21 0.33 -8.62 3.40
N GLU A 22 -0.69 -9.47 3.28
CA GLU A 22 -0.43 -10.90 3.08
C GLU A 22 0.33 -11.17 1.79
N LYS A 23 0.17 -10.32 0.78
CA LYS A 23 0.93 -10.48 -0.46
C LYS A 23 2.39 -10.09 -0.29
N ASP A 24 2.71 -9.36 0.78
CA ASP A 24 4.07 -8.89 1.05
C ASP A 24 4.68 -9.92 2.01
N THR A 25 5.06 -11.07 1.45
CA THR A 25 5.52 -12.16 2.30
C THR A 25 6.86 -11.83 2.94
N GLY A 26 7.70 -11.04 2.26
CA GLY A 26 8.96 -10.62 2.81
C GLY A 26 8.85 -9.57 3.89
N ASN A 27 7.67 -8.98 4.07
CA ASN A 27 7.46 -7.86 4.99
C ASN A 27 8.40 -6.70 4.67
N ILE A 28 8.69 -6.47 3.39
CA ILE A 28 9.55 -5.36 3.03
C ILE A 28 8.76 -4.09 2.81
N PHE A 29 7.44 -4.16 2.84
CA PHE A 29 6.57 -3.02 2.68
C PHE A 29 5.75 -2.71 3.92
N SER A 30 5.98 -3.44 5.02
CA SER A 30 5.10 -3.29 6.17
CA SER A 30 5.13 -3.32 6.20
C SER A 30 5.51 -2.16 7.11
N GLU A 31 6.69 -1.59 6.93
CA GLU A 31 7.18 -0.49 7.74
C GLU A 31 7.91 0.49 6.83
N PRO A 32 8.01 1.76 7.24
CA PRO A 32 8.76 2.73 6.43
C PRO A 32 10.15 2.23 6.10
N VAL A 33 10.64 2.61 4.92
CA VAL A 33 12.00 2.25 4.49
C VAL A 33 12.98 2.82 5.51
N PRO A 34 13.81 1.98 6.15
CA PRO A 34 14.67 2.48 7.22
C PRO A 34 15.70 3.49 6.74
N LEU A 35 15.45 4.77 7.00
CA LEU A 35 16.35 5.82 6.55
C LEU A 35 17.75 5.67 7.15
N SER A 36 17.88 4.94 8.26
CA SER A 36 19.19 4.66 8.81
C SER A 36 20.03 3.83 7.85
N GLU A 37 19.39 2.89 7.15
CA GLU A 37 20.07 2.04 6.19
C GLU A 37 20.05 2.62 4.79
N VAL A 38 19.07 3.44 4.47
CA VAL A 38 18.94 4.07 3.16
C VAL A 38 18.98 5.59 3.36
N PRO A 39 20.14 6.17 3.65
CA PRO A 39 20.17 7.60 4.03
C PRO A 39 19.85 8.56 2.90
N ASP A 40 19.97 8.14 1.65
CA ASP A 40 19.66 9.01 0.50
C ASP A 40 18.24 8.81 -0.02
N TYR A 41 17.39 8.12 0.73
CA TYR A 41 16.10 7.69 0.21
C TYR A 41 15.19 8.87 -0.12
N LEU A 42 15.19 9.90 0.71
CA LEU A 42 14.26 11.01 0.50
C LEU A 42 14.75 12.01 -0.55
N ASP A 43 15.90 11.75 -1.19
CA ASP A 43 16.39 12.66 -2.22
C ASP A 43 15.36 12.86 -3.34
N HIS A 44 14.80 11.75 -3.84
CA HIS A 44 13.82 11.82 -4.92
C HIS A 44 12.50 11.12 -4.60
N ILE A 45 12.32 10.63 -3.38
CA ILE A 45 11.06 10.06 -2.94
C ILE A 45 10.37 11.11 -2.09
N LYS A 46 9.42 11.84 -2.68
CA LYS A 46 8.81 12.97 -1.98
C LYS A 46 7.73 12.54 -0.99
N LYS A 47 7.12 11.37 -1.17
CA LYS A 47 6.12 10.88 -0.22
C LYS A 47 6.31 9.39 0.03
N PRO A 48 7.10 9.04 1.03
CA PRO A 48 7.24 7.62 1.38
C PRO A 48 5.93 7.07 1.90
N MET A 49 5.74 5.76 1.70
CA MET A 49 4.51 5.12 2.13
C MET A 49 4.81 3.65 2.43
N ASP A 50 4.01 3.07 3.33
CA ASP A 50 4.15 1.69 3.76
C ASP A 50 2.84 1.24 4.41
N PHE A 51 2.74 -0.06 4.67
CA PHE A 51 1.47 -0.59 5.18
C PHE A 51 1.19 -0.15 6.62
N PHE A 52 2.23 0.01 7.45
CA PHE A 52 1.98 0.50 8.80
C PHE A 52 1.41 1.91 8.76
N THR A 53 2.01 2.77 7.94
CA THR A 53 1.49 4.13 7.78
C THR A 53 0.05 4.11 7.26
N MET A 54 -0.25 3.20 6.33
CA MET A 54 -1.62 3.12 5.82
C MET A 54 -2.59 2.73 6.92
N LYS A 55 -2.19 1.81 7.79
CA LYS A 55 -3.04 1.45 8.91
C LYS A 55 -3.29 2.66 9.79
N GLN A 56 -2.25 3.45 10.06
N GLN A 56 -2.25 3.44 10.07
CA GLN A 56 -2.43 4.65 10.86
CA GLN A 56 -2.43 4.65 10.86
C GLN A 56 -3.38 5.63 10.17
C GLN A 56 -3.38 5.63 10.17
N ASN A 57 -3.17 5.85 8.87
CA ASN A 57 -4.06 6.75 8.13
C ASN A 57 -5.49 6.21 8.12
N LEU A 58 -5.66 4.90 7.96
CA LEU A 58 -7.00 4.31 8.00
C LEU A 58 -7.70 4.63 9.32
N GLU A 59 -7.02 4.40 10.44
CA GLU A 59 -7.65 4.61 11.72
C GLU A 59 -7.86 6.08 12.04
N ALA A 60 -7.13 6.96 11.39
CA ALA A 60 -7.32 8.40 11.54
C ALA A 60 -8.41 8.95 10.64
N TYR A 61 -9.16 8.07 9.96
CA TYR A 61 -10.24 8.45 9.04
C TYR A 61 -9.73 9.25 7.86
N ARG A 62 -8.51 8.98 7.42
CA ARG A 62 -7.95 9.64 6.25
C ARG A 62 -8.34 8.98 4.94
N TYR A 63 -8.99 7.80 4.98
CA TYR A 63 -9.45 7.09 3.79
C TYR A 63 -10.96 7.01 3.88
N LEU A 64 -11.65 7.97 3.29
CA LEU A 64 -13.10 7.94 3.25
C LEU A 64 -13.64 7.52 1.89
N ASN A 65 -12.78 7.14 0.96
CA ASN A 65 -13.24 6.60 -0.30
C ASN A 65 -12.20 5.60 -0.79
N PHE A 66 -12.59 4.74 -1.71
CA PHE A 66 -11.68 3.69 -2.12
C PHE A 66 -10.46 4.27 -2.81
N ASP A 67 -10.63 5.35 -3.58
CA ASP A 67 -9.52 5.80 -4.39
C ASP A 67 -8.39 6.38 -3.53
N ASP A 68 -8.71 7.02 -2.41
CA ASP A 68 -7.62 7.55 -1.59
C ASP A 68 -6.82 6.43 -0.94
N PHE A 69 -7.48 5.35 -0.58
CA PHE A 69 -6.81 4.16 -0.07
C PHE A 69 -5.92 3.53 -1.14
N GLU A 70 -6.49 3.32 -2.33
CA GLU A 70 -5.74 2.74 -3.44
C GLU A 70 -4.57 3.62 -3.84
N GLU A 71 -4.71 4.95 -3.75
CA GLU A 71 -3.60 5.84 -4.12
C GLU A 71 -2.37 5.60 -3.25
N ASP A 72 -2.57 5.41 -1.93
CA ASP A 72 -1.42 5.20 -1.06
C ASP A 72 -0.79 3.83 -1.28
N PHE A 73 -1.61 2.83 -1.61
CA PHE A 73 -1.04 1.54 -1.99
C PHE A 73 -0.18 1.68 -3.24
N ASN A 74 -0.68 2.41 -4.24
CA ASN A 74 0.09 2.62 -5.45
C ASN A 74 1.41 3.32 -5.16
N LEU A 75 1.42 4.19 -4.13
CA LEU A 75 2.63 4.90 -3.74
C LEU A 75 3.68 3.92 -3.22
N ILE A 76 3.25 2.92 -2.44
CA ILE A 76 4.17 1.89 -1.98
C ILE A 76 4.86 1.25 -3.17
N VAL A 77 4.07 0.93 -4.20
CA VAL A 77 4.60 0.29 -5.39
C VAL A 77 5.50 1.25 -6.18
N SER A 78 5.01 2.46 -6.46
CA SER A 78 5.76 3.35 -7.34
CA SER A 78 5.75 3.37 -7.33
C SER A 78 7.04 3.84 -6.67
N ASN A 79 7.02 4.08 -5.36
CA ASN A 79 8.25 4.52 -4.70
C ASN A 79 9.34 3.48 -4.85
N CYS A 80 8.94 2.20 -4.74
CA CYS A 80 9.91 1.12 -4.81
C CYS A 80 10.44 0.94 -6.23
N LEU A 81 9.55 1.03 -7.22
CA LEU A 81 10.03 0.98 -8.61
C LEU A 81 10.95 2.17 -8.90
N LYS A 82 10.67 3.33 -8.31
CA LYS A 82 11.48 4.51 -8.59
C LYS A 82 12.88 4.41 -7.96
N TYR A 83 12.94 4.01 -6.69
CA TYR A 83 14.21 4.08 -5.98
C TYR A 83 15.17 2.98 -6.40
N ASN A 84 14.66 1.79 -6.68
CA ASN A 84 15.51 0.61 -6.81
C ASN A 84 15.74 0.26 -8.27
N ALA A 85 16.95 -0.23 -8.58
CA ALA A 85 17.27 -0.64 -9.94
C ALA A 85 16.44 -1.85 -10.35
N LYS A 86 16.26 -2.01 -11.66
CA LYS A 86 15.35 -3.04 -12.18
C LYS A 86 15.83 -4.44 -11.88
N ASP A 87 17.13 -4.63 -11.67
CA ASP A 87 17.69 -5.97 -11.48
C ASP A 87 17.76 -6.37 -10.01
N THR A 88 17.03 -5.68 -9.14
CA THR A 88 17.03 -5.96 -7.71
C THR A 88 15.82 -6.79 -7.33
N ILE A 89 15.95 -7.46 -6.18
CA ILE A 89 14.79 -8.14 -5.61
C ILE A 89 13.69 -7.15 -5.28
N PHE A 90 14.06 -5.99 -4.72
CA PHE A 90 13.05 -5.01 -4.31
C PHE A 90 12.18 -4.59 -5.50
N TYR A 91 12.80 -4.32 -6.65
CA TYR A 91 12.02 -3.87 -7.80
C TYR A 91 11.06 -4.95 -8.26
N ARG A 92 11.54 -6.19 -8.38
CA ARG A 92 10.64 -7.27 -8.79
C ARG A 92 9.55 -7.50 -7.78
N ALA A 93 9.84 -7.28 -6.49
CA ALA A 93 8.83 -7.46 -5.45
C ALA A 93 7.70 -6.45 -5.62
N ALA A 94 8.05 -5.23 -6.00
CA ALA A 94 7.04 -4.21 -6.26
C ALA A 94 6.20 -4.56 -7.48
N VAL A 95 6.82 -5.10 -8.53
CA VAL A 95 6.07 -5.56 -9.69
C VAL A 95 5.06 -6.63 -9.29
N ARG A 96 5.51 -7.60 -8.50
CA ARG A 96 4.61 -8.66 -8.06
C ARG A 96 3.51 -8.11 -7.15
N LEU A 97 3.85 -7.18 -6.26
CA LEU A 97 2.82 -6.58 -5.40
C LEU A 97 1.80 -5.82 -6.22
N ARG A 98 2.26 -5.08 -7.23
CA ARG A 98 1.34 -4.38 -8.11
C ARG A 98 0.35 -5.35 -8.75
N GLU A 99 0.84 -6.50 -9.19
CA GLU A 99 0.01 -7.49 -9.86
C GLU A 99 -0.95 -8.15 -8.88
N GLN A 100 -0.42 -8.65 -7.76
CA GLN A 100 -1.27 -9.35 -6.80
C GLN A 100 -2.18 -8.40 -6.06
N GLY A 101 -1.67 -7.22 -5.71
CA GLY A 101 -2.49 -6.22 -5.03
C GLY A 101 -3.59 -5.67 -5.90
N GLY A 102 -3.32 -5.54 -7.21
CA GLY A 102 -4.35 -5.08 -8.13
C GLY A 102 -5.59 -5.96 -8.12
N ALA A 103 -5.39 -7.28 -8.11
CA ALA A 103 -6.51 -8.21 -8.04
C ALA A 103 -7.26 -8.05 -6.72
N VAL A 104 -6.54 -7.91 -5.61
CA VAL A 104 -7.18 -7.71 -4.31
C VAL A 104 -8.03 -6.46 -4.32
N LEU A 105 -7.50 -5.39 -4.90
CA LEU A 105 -8.20 -4.11 -4.88
C LEU A 105 -9.43 -4.12 -5.76
N ARG A 106 -9.37 -4.80 -6.91
N ARG A 106 -9.37 -4.81 -6.91
CA ARG A 106 -10.54 -4.84 -7.78
CA ARG A 106 -10.52 -4.87 -7.79
C ARG A 106 -11.70 -5.55 -7.09
C ARG A 106 -11.69 -5.55 -7.10
N GLN A 107 -11.42 -6.68 -6.44
CA GLN A 107 -12.49 -7.37 -5.72
C GLN A 107 -13.01 -6.55 -4.56
N ALA A 108 -12.13 -5.87 -3.82
CA ALA A 108 -12.58 -5.03 -2.72
C ALA A 108 -13.48 -3.90 -3.22
N ARG A 109 -13.13 -3.31 -4.36
CA ARG A 109 -13.91 -2.19 -4.87
C ARG A 109 -15.30 -2.65 -5.29
N ARG A 110 -15.39 -3.85 -5.85
CA ARG A 110 -16.70 -4.43 -6.17
C ARG A 110 -17.56 -4.57 -4.91
N GLN A 111 -16.97 -5.06 -3.82
CA GLN A 111 -17.72 -5.20 -2.58
C GLN A 111 -18.15 -3.84 -2.03
N ALA A 112 -17.30 -2.82 -2.17
CA ALA A 112 -17.69 -1.47 -1.77
C ALA A 112 -18.81 -0.93 -2.65
N GLU A 113 -18.72 -1.15 -3.96
CA GLU A 113 -19.74 -0.64 -4.87
C GLU A 113 -21.11 -1.28 -4.64
N LYS A 114 -21.15 -2.42 -3.95
CA LYS A 114 -22.44 -2.98 -3.54
C LYS A 114 -23.05 -2.20 -2.39
N MET A 115 -22.22 -1.55 -1.58
CA MET A 115 -22.69 -0.83 -0.39
C MET A 115 -23.53 0.39 -0.76
CAA 5SJ B . 17.53 -3.25 7.13
CAH 5SJ B . 18.04 -2.75 5.78
OAK 5SJ B . 17.13 -3.15 4.74
CAL 5SJ B . 17.06 -2.21 3.75
OAC 5SJ B . 18.04 -1.63 3.28
CAN 5SJ B . 15.78 -1.99 3.25
CAG 5SJ B . 15.59 -1.33 2.03
CAP 5SJ B . 14.30 -1.12 1.56
NAI 5SJ B . 14.07 -0.47 0.34
C 5SJ B . 12.78 -0.41 -0.22
O 5SJ B . 12.62 0.19 -1.29
CA 5SJ B . 11.69 -1.05 0.38
CB 5SJ B . 11.44 -2.37 -0.36
N 5SJ B . 11.91 -1.34 1.82
CAO 5SJ B . 13.21 -1.55 2.30
CAF 5SJ B . 13.39 -2.21 3.51
CAE 5SJ B . 14.69 -2.42 3.98
N NO3 C . 7.62 -2.86 -14.48
O1 NO3 C . 6.41 -3.56 -15.19
O2 NO3 C . 7.39 -1.94 -13.48
O3 NO3 C . 9.02 -3.16 -14.89
#